data_4X49
#
_entry.id   4X49
#
_cell.length_a   101.097
_cell.length_b   101.097
_cell.length_c   131.537
_cell.angle_alpha   90.000
_cell.angle_beta   90.000
_cell.angle_gamma   120.000
#
_symmetry.space_group_name_H-M   'H 3'
#
loop_
_entity.id
_entity.type
_entity.pdbx_description
1 polymer Anhydrosialidase
2 non-polymer '(3R,4R,5S)-4-(acetylamino)-5-amino-3-(pentan-3-yloxy)cyclohex-1-ene-1-carboxylic acid'
3 non-polymer 'CALCIUM ION'
4 non-polymer GLYCEROL
5 non-polymer 'ACETYL GROUP'
6 water water
#
_entity_poly.entity_id   1
_entity_poly.type   'polypeptide(L)'
_entity_poly.pdbx_seq_one_letter_code
;GAMADIGSNIFYAGDATKSNYFRIPSLLALDSGTVIAAADARYGGTHDAKSKINTAFAKSTDGGKTWGQPTLPLKFDDYV
AKNIDWPRDSVGKNVQIQGSASYIDPVLLEDKETHRVFLFADMMPAGIGSSNASVGSGFKEVDGKKYLKLHWKDDAAGTY
DYSVRENGTIYNDTTNSATEYSVDGEYNLYKNGNAMLCKQYDYNFEGTKLLETQTDTDVNMNVFYKDADFKVFPTTYLAM
KYSDDEGETWSDLQIVSTFKPEESKFLVLGPGVGKQIANGEHAGRLIVPLYSKSSAELGFMYSDDHGNNWTYVEADQNTG
GATAEAQIVEMPDGSLKTYLRTGSGYIAQVMSTDGGETWSERVPLTEIATTGYGTQLSVINYSQPVDGKPAILLSAPNAT
NGRKNGKIWIGLISETGNSGKDKYSVDWKYCYSVDTPQMGYSYSCLTELPDGEIGLLYEKYDSWSRNELHLKNILKYERF
NIDELKVQP
;
_entity_poly.pdbx_strand_id   A
#
# COMPACT_ATOMS: atom_id res chain seq x y z
N GLY A 1 -15.58 -20.97 -13.75
CA GLY A 1 -16.31 -19.72 -13.48
C GLY A 1 -17.68 -19.80 -14.13
N ALA A 2 -18.63 -19.14 -13.47
CA ALA A 2 -19.97 -18.90 -14.02
C ALA A 2 -19.92 -17.71 -15.01
N MET A 3 -21.04 -17.44 -15.70
CA MET A 3 -21.15 -16.26 -16.58
C MET A 3 -20.80 -15.00 -15.73
N ALA A 4 -21.44 -14.92 -14.58
CA ALA A 4 -21.17 -13.87 -13.65
C ALA A 4 -19.67 -13.75 -13.25
N ASP A 5 -18.83 -14.78 -13.47
CA ASP A 5 -17.39 -14.65 -13.15
C ASP A 5 -16.49 -14.24 -14.31
N ILE A 6 -17.07 -14.04 -15.47
CA ILE A 6 -16.27 -13.60 -16.60
C ILE A 6 -15.84 -12.19 -16.32
N GLY A 7 -14.57 -11.93 -16.58
CA GLY A 7 -14.00 -10.63 -16.36
C GLY A 7 -13.68 -10.37 -14.89
N SER A 8 -13.72 -11.41 -14.05
CA SER A 8 -13.56 -11.28 -12.60
C SER A 8 -12.12 -11.34 -12.16
N ASN A 9 -11.16 -11.19 -13.10
CA ASN A 9 -9.81 -10.75 -12.69
C ASN A 9 -9.14 -9.72 -13.61
N ILE A 10 -8.49 -8.79 -12.94
CA ILE A 10 -7.86 -7.63 -13.55
C ILE A 10 -6.40 -8.05 -13.83
N PHE A 11 -5.76 -8.55 -12.76
CA PHE A 11 -4.40 -9.02 -12.78
C PHE A 11 -4.49 -10.54 -12.76
N TYR A 12 -3.63 -11.23 -13.50
CA TYR A 12 -3.67 -12.70 -13.51
C TYR A 12 -2.32 -13.26 -13.99
N ALA A 13 -2.03 -14.51 -13.66
CA ALA A 13 -0.84 -15.20 -14.15
C ALA A 13 -0.88 -15.20 -15.69
N GLY A 14 0.14 -14.66 -16.33
CA GLY A 14 0.17 -14.60 -17.80
C GLY A 14 -0.06 -13.20 -18.33
N ASP A 15 -0.49 -12.25 -17.51
CA ASP A 15 -0.70 -10.90 -18.03
C ASP A 15 0.63 -10.18 -18.24
N ALA A 16 0.58 -8.91 -18.66
CA ALA A 16 1.80 -8.09 -18.92
C ALA A 16 2.76 -7.83 -17.75
N THR A 17 2.39 -8.12 -16.50
CA THR A 17 3.27 -7.85 -15.38
C THR A 17 4.37 -8.87 -15.30
N LYS A 18 4.07 -10.05 -15.84
CA LYS A 18 4.97 -11.18 -15.83
C LYS A 18 5.07 -11.81 -14.45
N SER A 19 4.12 -11.48 -13.55
CA SER A 19 4.10 -12.11 -12.25
C SER A 19 3.11 -13.27 -12.27
N ASN A 20 3.44 -14.36 -11.57
CA ASN A 20 2.41 -15.40 -11.34
C ASN A 20 1.47 -15.14 -10.17
N TYR A 21 1.87 -14.24 -9.28
CA TYR A 21 1.13 -13.99 -8.04
C TYR A 21 0.86 -12.51 -7.84
N PHE A 22 -0.24 -12.26 -7.13
CA PHE A 22 -0.66 -10.97 -6.71
C PHE A 22 -1.25 -11.01 -5.29
N ARG A 23 -1.15 -9.87 -4.63
CA ARG A 23 -1.84 -9.61 -3.35
C ARG A 23 -2.07 -8.09 -3.22
N ILE A 24 -2.85 -7.71 -2.19
CA ILE A 24 -3.03 -6.35 -1.69
C ILE A 24 -3.78 -5.48 -2.72
N PRO A 25 -5.12 -5.62 -2.84
CA PRO A 25 -5.87 -4.90 -3.83
C PRO A 25 -6.06 -3.49 -3.48
N SER A 26 -6.13 -2.70 -4.54
CA SER A 26 -6.48 -1.28 -4.48
C SER A 26 -7.37 -1.01 -5.66
N LEU A 27 -8.47 -0.35 -5.37
CA LEU A 27 -9.48 -0.08 -6.40
C LEU A 27 -10.02 1.29 -6.15
N LEU A 28 -10.12 2.09 -7.20
CA LEU A 28 -10.56 3.47 -7.04
C LEU A 28 -11.22 4.05 -8.31
N ALA A 29 -12.48 4.42 -8.18
CA ALA A 29 -13.18 5.17 -9.24
C ALA A 29 -12.75 6.63 -9.20
N LEU A 30 -12.28 7.14 -10.35
CA LEU A 30 -11.90 8.55 -10.50
C LEU A 30 -13.12 9.44 -10.71
N ASP A 31 -12.95 10.72 -10.42
CA ASP A 31 -13.98 11.72 -10.70
C ASP A 31 -14.36 11.73 -12.18
N SER A 32 -13.45 11.42 -13.10
CA SER A 32 -13.83 11.34 -14.52
C SER A 32 -14.78 10.18 -14.84
N GLY A 33 -14.79 9.14 -13.97
CA GLY A 33 -15.56 7.93 -14.13
C GLY A 33 -14.73 6.80 -14.69
N THR A 34 -13.52 7.14 -15.17
CA THR A 34 -12.42 6.19 -15.27
C THR A 34 -12.26 5.46 -13.91
N VAL A 35 -11.92 4.18 -13.96
CA VAL A 35 -11.73 3.39 -12.74
C VAL A 35 -10.37 2.79 -12.87
N ILE A 36 -9.64 2.79 -11.74
CA ILE A 36 -8.28 2.29 -11.74
C ILE A 36 -8.09 1.31 -10.62
N ALA A 37 -6.97 0.58 -10.73
CA ALA A 37 -6.62 -0.41 -9.74
C ALA A 37 -5.15 -0.68 -9.72
N ALA A 38 -4.71 -1.21 -8.59
CA ALA A 38 -3.30 -1.50 -8.37
C ALA A 38 -3.23 -2.67 -7.39
N ALA A 39 -2.12 -3.36 -7.45
CA ALA A 39 -1.90 -4.51 -6.58
C ALA A 39 -0.43 -4.80 -6.66
N ASP A 40 0.09 -5.53 -5.67
CA ASP A 40 1.42 -6.07 -5.71
C ASP A 40 1.58 -7.15 -6.78
N ALA A 41 2.61 -7.06 -7.61
CA ALA A 41 2.96 -8.15 -8.52
C ALA A 41 4.04 -8.88 -7.81
N ARG A 42 3.65 -9.94 -7.09
CA ARG A 42 4.54 -10.73 -6.28
C ARG A 42 5.10 -11.88 -7.13
N TYR A 43 6.32 -11.67 -7.61
CA TYR A 43 6.99 -12.60 -8.53
C TYR A 43 7.41 -13.86 -7.78
N GLY A 44 7.87 -13.70 -6.55
CA GLY A 44 8.43 -14.81 -5.75
C GLY A 44 7.49 -15.51 -4.77
N GLY A 45 6.39 -15.99 -5.30
CA GLY A 45 5.30 -16.51 -4.48
C GLY A 45 4.61 -15.34 -3.82
N THR A 46 3.84 -15.58 -2.76
CA THR A 46 2.95 -14.56 -2.21
C THR A 46 3.58 -13.93 -0.97
N HIS A 47 4.84 -14.25 -0.70
CA HIS A 47 5.53 -13.70 0.41
C HIS A 47 5.53 -12.17 0.35
N ASP A 48 5.41 -11.57 1.54
CA ASP A 48 5.80 -10.18 1.82
C ASP A 48 7.31 -10.02 1.63
N ALA A 49 7.73 -8.76 1.56
CA ALA A 49 9.11 -8.43 1.47
C ALA A 49 9.76 -8.98 2.73
N LYS A 50 11.01 -9.43 2.68
CA LYS A 50 11.86 -9.41 1.49
C LYS A 50 11.49 -10.40 0.39
N SER A 51 11.54 -9.93 -0.85
CA SER A 51 11.12 -10.73 -2.00
C SER A 51 11.41 -9.87 -3.23
N LYS A 52 10.78 -10.17 -4.35
CA LYS A 52 10.83 -9.35 -5.53
C LYS A 52 9.40 -9.06 -5.84
N ILE A 53 9.02 -7.78 -5.66
CA ILE A 53 7.70 -7.33 -5.84
C ILE A 53 7.76 -6.00 -6.57
N ASN A 54 6.88 -5.82 -7.56
CA ASN A 54 6.65 -4.52 -8.25
C ASN A 54 5.19 -4.17 -8.07
N THR A 55 4.84 -2.89 -8.24
CA THR A 55 3.46 -2.43 -8.11
C THR A 55 2.81 -2.42 -9.46
N ALA A 56 1.71 -3.17 -9.62
CA ALA A 56 1.01 -3.25 -10.90
C ALA A 56 -0.20 -2.31 -10.86
N PHE A 57 -0.66 -1.93 -12.04
CA PHE A 57 -1.61 -0.90 -12.20
C PHE A 57 -2.42 -1.19 -13.46
N ALA A 58 -3.71 -0.90 -13.43
CA ALA A 58 -4.52 -1.10 -14.60
C ALA A 58 -5.74 -0.19 -14.55
N LYS A 59 -6.34 0.03 -15.74
CA LYS A 59 -7.38 1.04 -15.92
C LYS A 59 -8.58 0.49 -16.66
N SER A 60 -9.76 0.99 -16.27
CA SER A 60 -11.00 0.75 -17.03
C SER A 60 -11.59 2.08 -17.41
N THR A 61 -11.77 2.28 -18.72
CA THR A 61 -12.47 3.47 -19.25
C THR A 61 -13.86 3.16 -19.74
N ASP A 62 -14.47 2.10 -19.20
CA ASP A 62 -15.92 1.91 -19.38
C ASP A 62 -16.67 1.66 -18.07
N GLY A 63 -16.30 2.39 -17.01
CA GLY A 63 -17.02 2.37 -15.77
C GLY A 63 -16.70 1.16 -14.88
N GLY A 64 -15.56 0.50 -15.13
CA GLY A 64 -15.13 -0.67 -14.40
C GLY A 64 -15.70 -2.01 -14.87
N LYS A 65 -16.13 -2.07 -16.12
CA LYS A 65 -16.57 -3.33 -16.73
C LYS A 65 -15.38 -4.04 -17.30
N THR A 66 -14.57 -3.29 -18.00
CA THR A 66 -13.53 -3.84 -18.81
C THR A 66 -12.19 -3.18 -18.38
N TRP A 67 -11.14 -4.00 -18.38
CA TRP A 67 -9.81 -3.64 -17.85
C TRP A 67 -8.71 -3.83 -18.88
N GLY A 68 -7.85 -2.82 -19.03
CA GLY A 68 -6.73 -2.88 -19.95
C GLY A 68 -5.60 -3.68 -19.38
N GLN A 69 -4.56 -3.83 -20.17
CA GLN A 69 -3.41 -4.60 -19.74
C GLN A 69 -2.67 -3.90 -18.63
N PRO A 70 -1.99 -4.65 -17.77
CA PRO A 70 -1.48 -3.90 -16.63
C PRO A 70 -0.18 -3.24 -16.97
N THR A 71 0.18 -2.18 -16.23
CA THR A 71 1.52 -1.55 -16.25
C THR A 71 2.22 -1.75 -14.89
N LEU A 72 3.50 -1.37 -14.79
CA LEU A 72 4.31 -1.45 -13.57
C LEU A 72 4.94 -0.09 -13.20
N PRO A 73 4.13 0.82 -12.64
CA PRO A 73 4.65 2.16 -12.48
C PRO A 73 5.73 2.28 -11.42
N LEU A 74 5.80 1.33 -10.49
CA LEU A 74 6.89 1.30 -9.54
C LEU A 74 7.53 -0.07 -9.68
N LYS A 75 8.80 -0.11 -10.13
CA LYS A 75 9.45 -1.36 -10.42
C LYS A 75 10.93 -1.24 -10.21
N PHE A 76 11.53 -2.32 -9.76
CA PHE A 76 12.96 -2.40 -9.61
C PHE A 76 13.47 -3.41 -10.65
N ASP A 77 14.69 -3.21 -11.17
CA ASP A 77 15.25 -4.07 -12.22
C ASP A 77 16.48 -4.86 -11.76
N ASP A 78 16.82 -4.81 -10.48
CA ASP A 78 17.95 -5.58 -9.93
C ASP A 78 17.81 -7.09 -10.10
N TYR A 79 16.59 -7.60 -9.99
CA TYR A 79 16.27 -9.00 -10.28
C TYR A 79 15.22 -8.96 -11.38
N VAL A 80 15.22 -9.96 -12.27
CA VAL A 80 14.29 -9.99 -13.44
C VAL A 80 12.84 -10.17 -12.97
N ALA A 81 11.94 -9.58 -13.75
CA ALA A 81 10.50 -9.87 -13.69
C ALA A 81 10.10 -11.04 -14.56
N LYS A 82 9.86 -12.21 -13.97
CA LYS A 82 9.37 -13.35 -14.72
C LYS A 82 8.29 -14.26 -14.06
N ASN A 83 7.49 -14.90 -14.89
CA ASN A 83 6.57 -15.98 -14.46
C ASN A 83 7.25 -17.25 -13.98
N ILE A 84 7.03 -17.59 -12.72
CA ILE A 84 7.69 -18.73 -12.17
C ILE A 84 6.76 -19.37 -11.12
N ASP A 85 6.74 -20.70 -11.06
CA ASP A 85 5.87 -21.37 -10.13
C ASP A 85 6.66 -21.54 -8.85
N TRP A 86 6.11 -21.03 -7.74
CA TRP A 86 6.78 -21.09 -6.52
C TRP A 86 6.45 -22.45 -5.90
N PRO A 87 7.42 -23.12 -5.30
CA PRO A 87 7.04 -24.43 -4.77
C PRO A 87 6.07 -24.26 -3.64
N ARG A 88 5.12 -25.16 -3.55
CA ARG A 88 4.15 -25.16 -2.48
C ARG A 88 4.32 -26.40 -1.60
N ASP A 89 5.46 -27.09 -1.70
CA ASP A 89 5.75 -28.23 -0.78
C ASP A 89 6.10 -27.71 0.58
N SER A 90 6.26 -28.60 1.55
CA SER A 90 6.38 -28.21 2.94
C SER A 90 7.66 -27.46 3.31
N VAL A 91 8.70 -27.60 2.51
CA VAL A 91 9.99 -26.95 2.78
C VAL A 91 10.09 -25.73 1.86
N GLY A 92 9.94 -25.95 0.57
CA GLY A 92 10.10 -24.93 -0.47
C GLY A 92 9.18 -23.73 -0.29
N LYS A 93 7.94 -24.00 0.15
CA LYS A 93 6.92 -22.95 0.31
C LYS A 93 7.43 -21.77 1.16
N ASN A 94 8.35 -22.05 2.08
CA ASN A 94 8.84 -21.06 2.98
C ASN A 94 9.93 -20.22 2.43
N VAL A 95 10.42 -20.57 1.24
CA VAL A 95 11.66 -19.96 0.77
C VAL A 95 11.31 -18.66 0.06
N GLN A 96 12.01 -17.58 0.42
CA GLN A 96 11.88 -16.25 -0.19
C GLN A 96 13.11 -15.74 -0.89
N ILE A 97 12.92 -14.92 -1.89
CA ILE A 97 14.03 -14.23 -2.53
C ILE A 97 14.70 -13.38 -1.47
N GLN A 98 16.02 -13.54 -1.35
CA GLN A 98 16.81 -12.91 -0.29
C GLN A 98 17.46 -11.60 -0.67
N GLY A 99 17.69 -11.35 -1.95
CA GLY A 99 18.53 -10.18 -2.32
C GLY A 99 17.94 -9.09 -3.21
N SER A 100 16.60 -9.05 -3.36
CA SER A 100 15.94 -8.08 -4.22
C SER A 100 15.37 -6.92 -3.41
N ALA A 101 15.34 -5.77 -4.10
CA ALA A 101 14.56 -4.62 -3.66
C ALA A 101 13.12 -4.88 -4.10
N SER A 102 12.16 -4.18 -3.50
CA SER A 102 10.71 -4.44 -3.65
C SER A 102 9.87 -3.16 -3.44
N TYR A 103 8.82 -2.99 -4.25
CA TYR A 103 7.69 -2.09 -3.88
C TYR A 103 6.49 -2.98 -3.43
N ILE A 104 5.85 -2.60 -2.32
CA ILE A 104 4.85 -3.42 -1.68
C ILE A 104 3.77 -2.59 -1.02
N ASP A 105 2.53 -3.09 -1.08
CA ASP A 105 1.36 -2.54 -0.38
C ASP A 105 0.87 -1.19 -0.91
N PRO A 106 0.08 -1.20 -1.98
CA PRO A 106 -0.23 0.12 -2.54
C PRO A 106 -1.40 0.88 -1.92
N VAL A 107 -1.40 2.19 -2.15
CA VAL A 107 -2.54 3.06 -1.86
C VAL A 107 -2.74 4.02 -3.04
N LEU A 108 -3.99 4.14 -3.47
CA LEU A 108 -4.36 5.05 -4.54
C LEU A 108 -5.19 6.19 -3.97
N LEU A 109 -5.00 7.40 -4.51
CA LEU A 109 -5.73 8.58 -4.07
C LEU A 109 -5.78 9.57 -5.23
N GLU A 110 -6.94 10.20 -5.44
CA GLU A 110 -7.04 11.27 -6.44
C GLU A 110 -7.27 12.62 -5.77
N ASP A 111 -6.61 13.65 -6.30
CA ASP A 111 -6.97 15.06 -5.98
C ASP A 111 -7.90 15.51 -7.09
N LYS A 112 -9.18 15.63 -6.78
CA LYS A 112 -10.20 16.08 -7.76
C LYS A 112 -10.00 17.51 -8.22
N GLU A 113 -9.36 18.34 -7.39
CA GLU A 113 -9.28 19.76 -7.68
C GLU A 113 -8.25 20.00 -8.74
N THR A 114 -7.21 19.16 -8.79
CA THR A 114 -6.25 19.23 -9.89
C THR A 114 -6.38 18.10 -10.89
N HIS A 115 -7.20 17.10 -10.58
CA HIS A 115 -7.23 15.87 -11.34
C HIS A 115 -5.87 15.24 -11.47
N ARG A 116 -5.36 14.84 -10.31
CA ARG A 116 -4.03 14.23 -10.24
C ARG A 116 -4.20 12.96 -9.43
N VAL A 117 -3.60 11.88 -9.89
CA VAL A 117 -3.71 10.60 -9.20
C VAL A 117 -2.36 10.29 -8.60
N PHE A 118 -2.36 9.90 -7.33
CA PHE A 118 -1.13 9.53 -6.61
C PHE A 118 -1.08 8.04 -6.35
N LEU A 119 0.06 7.45 -6.67
CA LEU A 119 0.27 6.07 -6.32
C LEU A 119 1.41 6.00 -5.29
N PHE A 120 1.10 5.45 -4.13
CA PHE A 120 2.03 5.25 -3.04
C PHE A 120 2.28 3.77 -2.87
N ALA A 121 3.47 3.42 -2.45
CA ALA A 121 3.83 2.06 -2.04
C ALA A 121 5.01 2.14 -1.07
N ASP A 122 5.15 1.14 -0.19
CA ASP A 122 6.33 1.00 0.64
C ASP A 122 7.53 0.66 -0.28
N MET A 123 8.71 1.14 0.03
CA MET A 123 9.85 0.99 -0.85
C MET A 123 10.94 0.34 0.00
N MET A 124 11.27 -0.90 -0.37
CA MET A 124 12.22 -1.72 0.38
C MET A 124 13.57 -1.90 -0.29
N PRO A 125 14.70 -1.44 0.33
CA PRO A 125 15.99 -1.76 -0.24
C PRO A 125 16.28 -3.26 -0.27
N ALA A 126 17.39 -3.61 -0.89
CA ALA A 126 17.57 -4.98 -1.32
C ALA A 126 17.61 -5.87 -0.12
N GLY A 127 16.79 -6.92 -0.12
CA GLY A 127 16.80 -7.89 1.00
C GLY A 127 16.12 -7.40 2.24
N ILE A 128 15.33 -6.33 2.11
CA ILE A 128 14.66 -5.79 3.25
C ILE A 128 13.13 -5.97 3.18
N GLY A 129 12.57 -6.21 4.36
CA GLY A 129 11.13 -6.17 4.65
C GLY A 129 10.93 -5.52 6.01
N SER A 130 9.68 -5.48 6.50
CA SER A 130 9.36 -4.86 7.78
C SER A 130 10.19 -5.50 8.90
N SER A 131 10.39 -6.80 8.81
CA SER A 131 10.88 -7.56 9.96
C SER A 131 12.40 -7.39 10.14
N ASN A 132 13.15 -7.07 9.10
CA ASN A 132 14.61 -6.87 9.24
C ASN A 132 15.04 -5.46 8.90
N ALA A 133 14.11 -4.53 8.80
CA ALA A 133 14.39 -3.14 8.59
C ALA A 133 15.18 -2.61 9.76
N SER A 134 16.11 -1.70 9.51
CA SER A 134 16.91 -1.07 10.56
C SER A 134 16.18 0.15 11.09
N VAL A 135 16.47 0.49 12.34
CA VAL A 135 15.84 1.63 13.02
C VAL A 135 16.53 2.90 12.57
N GLY A 136 15.74 3.91 12.16
CA GLY A 136 16.21 5.20 11.66
C GLY A 136 15.33 5.74 10.51
N SER A 137 15.56 6.99 10.13
CA SER A 137 14.76 7.65 9.13
C SER A 137 15.23 7.31 7.72
N GLY A 138 16.51 6.96 7.63
CA GLY A 138 17.21 6.88 6.35
C GLY A 138 17.74 8.23 5.84
N PHE A 139 17.52 9.32 6.56
CA PHE A 139 17.98 10.65 6.08
C PHE A 139 18.90 11.23 7.12
N LYS A 140 19.85 12.06 6.71
CA LYS A 140 20.63 12.81 7.68
C LYS A 140 20.34 14.29 7.54
N GLU A 141 20.62 15.08 8.57
CA GLU A 141 20.58 16.56 8.41
C GLU A 141 21.97 17.15 8.27
N VAL A 142 22.16 18.00 7.26
CA VAL A 142 23.37 18.70 7.06
C VAL A 142 22.99 20.18 7.04
N ASP A 143 23.54 20.95 8.00
CA ASP A 143 23.15 22.33 8.25
C ASP A 143 21.61 22.46 8.33
N GLY A 144 20.91 21.52 8.96
CA GLY A 144 19.46 21.68 9.11
C GLY A 144 18.57 21.03 8.05
N LYS A 145 19.14 20.74 6.87
CA LYS A 145 18.38 20.14 5.73
C LYS A 145 18.50 18.63 5.67
N LYS A 146 17.40 18.00 5.32
CA LYS A 146 17.34 16.54 5.25
C LYS A 146 17.79 16.07 3.90
N TYR A 147 18.75 15.14 3.89
CA TYR A 147 19.21 14.45 2.67
C TYR A 147 19.28 12.94 2.87
N LEU A 148 18.87 12.19 1.88
CA LEU A 148 19.01 10.77 1.85
C LEU A 148 20.46 10.37 2.08
N LYS A 149 20.72 9.50 3.05
CA LYS A 149 22.13 9.19 3.35
C LYS A 149 22.61 7.94 2.61
N LEU A 150 23.93 7.84 2.45
CA LEU A 150 24.50 6.77 1.63
C LEU A 150 25.81 6.19 2.22
N HIS A 151 25.96 4.88 2.01
CA HIS A 151 27.10 4.15 2.47
C HIS A 151 27.90 3.84 1.25
N TRP A 152 29.14 4.31 1.24
CA TRP A 152 30.10 3.93 0.23
C TRP A 152 30.62 2.50 0.53
N LYS A 153 30.78 1.72 -0.53
CA LYS A 153 31.25 0.33 -0.41
C LYS A 153 32.49 0.12 0.45
N ASP A 154 33.43 1.04 0.45
CA ASP A 154 34.74 0.83 1.10
C ASP A 154 34.77 1.54 2.42
N ASP A 155 33.63 2.06 2.86
CA ASP A 155 33.57 2.58 4.18
C ASP A 155 33.19 1.45 5.13
N ALA A 156 33.37 1.74 6.40
CA ALA A 156 33.12 0.87 7.48
C ALA A 156 31.64 0.59 7.61
N ALA A 157 31.29 -0.61 8.12
CA ALA A 157 29.86 -0.99 8.21
C ALA A 157 29.09 0.03 9.07
N GLY A 158 27.88 0.36 8.64
CA GLY A 158 27.08 1.30 9.42
C GLY A 158 27.46 2.75 9.24
N THR A 159 28.47 3.00 8.41
CA THR A 159 29.01 4.31 8.17
C THR A 159 28.35 4.89 6.90
N TYR A 160 27.63 5.99 7.09
CA TYR A 160 26.92 6.73 6.01
C TYR A 160 27.55 8.14 5.92
N ASP A 161 28.64 8.26 5.15
CA ASP A 161 29.40 9.51 5.09
C ASP A 161 29.04 10.38 3.90
N TYR A 162 27.98 9.99 3.18
CA TYR A 162 27.62 10.62 1.92
C TYR A 162 26.13 10.91 1.88
N SER A 163 25.72 11.81 0.98
CA SER A 163 24.33 12.22 0.91
C SER A 163 23.95 12.64 -0.50
N VAL A 164 22.68 12.43 -0.82
CA VAL A 164 22.13 12.86 -2.11
C VAL A 164 21.63 14.28 -1.92
N ARG A 165 22.29 15.25 -2.57
CA ARG A 165 21.89 16.64 -2.41
C ARG A 165 21.31 17.19 -3.71
N GLU A 166 21.28 18.51 -3.84
CA GLU A 166 20.64 19.11 -5.02
C GLU A 166 21.20 18.55 -6.31
N ASN A 167 20.31 18.47 -7.28
CA ASN A 167 20.59 17.92 -8.63
C ASN A 167 20.95 16.47 -8.59
N GLY A 168 20.84 15.84 -7.44
CA GLY A 168 21.19 14.44 -7.34
C GLY A 168 22.65 14.29 -7.07
N THR A 169 23.34 15.43 -6.90
CA THR A 169 24.75 15.37 -6.60
C THR A 169 25.02 14.71 -5.25
N ILE A 170 25.89 13.72 -5.30
CA ILE A 170 26.36 13.04 -4.11
C ILE A 170 27.56 13.77 -3.54
N TYR A 171 27.43 14.11 -2.25
CA TYR A 171 28.42 14.85 -1.48
C TYR A 171 29.06 13.96 -0.45
N ASN A 172 30.35 14.19 -0.23
CA ASN A 172 31.03 13.67 0.93
C ASN A 172 30.78 14.62 2.06
N ASP A 173 30.11 14.13 3.09
CA ASP A 173 29.72 14.94 4.18
C ASP A 173 30.81 15.24 5.21
N THR A 174 31.86 14.45 5.26
CA THR A 174 32.95 14.77 6.24
C THR A 174 33.73 15.99 5.75
N THR A 175 33.91 16.11 4.44
CA THR A 175 34.49 17.30 3.86
C THR A 175 33.52 18.25 3.23
N ASN A 176 32.24 17.91 3.20
CA ASN A 176 31.28 18.76 2.55
C ASN A 176 31.56 19.09 1.09
N SER A 177 31.98 18.15 0.30
CA SER A 177 32.40 18.51 -1.04
C SER A 177 31.70 17.57 -1.99
N ALA A 178 31.31 18.08 -3.15
CA ALA A 178 30.67 17.26 -4.16
C ALA A 178 31.67 16.22 -4.62
N THR A 179 31.22 14.97 -4.83
CA THR A 179 32.03 13.89 -5.43
C THR A 179 31.76 13.92 -6.95
N GLU A 180 32.39 13.00 -7.68
CA GLU A 180 32.11 12.85 -9.10
C GLU A 180 30.83 12.05 -9.38
N TYR A 181 30.13 11.64 -8.31
CA TYR A 181 28.95 10.78 -8.44
C TYR A 181 27.62 11.52 -8.25
N SER A 182 26.58 10.98 -8.85
CA SER A 182 25.23 11.55 -8.76
C SER A 182 24.15 10.49 -8.99
N VAL A 183 22.91 10.84 -8.69
CA VAL A 183 21.78 9.98 -9.10
C VAL A 183 20.91 10.78 -10.04
N ASP A 184 20.24 10.06 -10.91
CA ASP A 184 19.28 10.65 -11.82
C ASP A 184 17.92 10.59 -11.13
N GLY A 185 16.84 10.88 -11.85
CA GLY A 185 15.47 10.94 -11.28
C GLY A 185 14.89 9.61 -10.86
N GLU A 186 15.51 8.50 -11.31
CA GLU A 186 15.20 7.13 -10.95
C GLU A 186 16.05 6.61 -9.80
N TYR A 187 16.94 7.43 -9.28
CA TYR A 187 17.84 7.03 -8.20
C TYR A 187 18.88 6.02 -8.65
N ASN A 188 19.15 6.06 -9.94
CA ASN A 188 20.20 5.26 -10.54
C ASN A 188 21.52 6.03 -10.46
N LEU A 189 22.62 5.32 -10.34
CA LEU A 189 23.91 5.96 -10.08
C LEU A 189 24.67 6.29 -11.34
N TYR A 190 25.41 7.40 -11.27
CA TYR A 190 26.21 7.96 -12.37
C TYR A 190 27.53 8.41 -11.83
N LYS A 191 28.57 8.23 -12.64
CA LYS A 191 29.91 8.68 -12.30
C LYS A 191 30.41 9.61 -13.40
N ASN A 192 30.57 10.89 -13.10
CA ASN A 192 31.12 11.81 -14.07
C ASN A 192 30.21 11.78 -15.30
N GLY A 193 28.89 11.69 -15.04
CA GLY A 193 27.90 11.67 -16.10
C GLY A 193 27.68 10.36 -16.79
N ASN A 194 28.48 9.35 -16.49
CA ASN A 194 28.27 8.03 -17.09
C ASN A 194 27.38 7.08 -16.23
N ALA A 195 26.38 6.45 -16.85
CA ALA A 195 25.53 5.48 -16.17
C ALA A 195 26.36 4.37 -15.61
N MET A 196 26.31 4.17 -14.30
CA MET A 196 26.92 2.99 -13.70
C MET A 196 25.99 1.80 -13.80
N LEU A 197 26.57 0.60 -14.00
CA LEU A 197 25.82 -0.61 -14.33
C LEU A 197 26.17 -1.75 -13.41
N CYS A 198 25.25 -2.68 -13.27
CA CYS A 198 25.51 -3.92 -12.53
C CYS A 198 24.69 -5.06 -13.20
N LYS A 199 25.00 -6.30 -12.86
CA LYS A 199 24.35 -7.47 -13.49
C LYS A 199 23.00 -7.81 -12.85
N GLN A 200 21.98 -7.93 -13.66
CA GLN A 200 20.69 -8.39 -13.17
C GLN A 200 20.80 -9.81 -12.58
N TYR A 201 20.02 -10.12 -11.53
CA TYR A 201 19.94 -11.48 -11.00
C TYR A 201 18.75 -12.22 -11.59
N ASP A 202 18.92 -13.52 -11.73
CA ASP A 202 17.83 -14.44 -12.04
C ASP A 202 17.72 -15.28 -10.79
N TYR A 203 16.61 -15.99 -10.68
CA TYR A 203 16.34 -16.88 -9.56
C TYR A 203 15.74 -18.21 -10.04
N ASN A 204 16.26 -19.32 -9.54
CA ASN A 204 15.76 -20.60 -10.02
C ASN A 204 15.87 -21.57 -8.93
N PHE A 205 14.88 -22.45 -8.86
CA PHE A 205 14.92 -23.55 -7.91
C PHE A 205 15.66 -24.79 -8.44
N GLU A 206 16.49 -25.36 -7.58
CA GLU A 206 16.99 -26.71 -7.79
C GLU A 206 16.58 -27.50 -6.60
N GLY A 207 15.58 -28.35 -6.79
CA GLY A 207 14.87 -28.98 -5.69
C GLY A 207 14.14 -27.89 -4.92
N THR A 208 14.38 -27.86 -3.61
CA THR A 208 13.91 -26.80 -2.71
C THR A 208 14.98 -25.70 -2.46
N LYS A 209 16.10 -25.73 -3.19
CA LYS A 209 17.08 -24.64 -3.11
C LYS A 209 16.78 -23.52 -4.12
N LEU A 210 16.79 -22.28 -3.64
CA LEU A 210 16.60 -21.12 -4.50
C LEU A 210 17.97 -20.54 -4.77
N LEU A 211 18.37 -20.55 -6.04
CA LEU A 211 19.69 -20.09 -6.46
C LEU A 211 19.49 -18.71 -7.11
N GLU A 212 20.03 -17.67 -6.49
CA GLU A 212 19.93 -16.35 -7.02
C GLU A 212 21.31 -16.05 -7.58
N THR A 213 21.37 -15.85 -8.88
CA THR A 213 22.60 -15.83 -9.63
C THR A 213 22.55 -14.73 -10.66
N GLN A 214 23.69 -14.08 -10.85
CA GLN A 214 23.80 -13.00 -11.84
C GLN A 214 23.60 -13.51 -13.23
N THR A 215 23.02 -12.72 -14.11
CA THR A 215 23.04 -13.04 -15.50
C THR A 215 24.03 -12.10 -16.13
N ASP A 216 24.04 -12.04 -17.45
CA ASP A 216 24.95 -11.16 -18.13
C ASP A 216 24.24 -9.89 -18.57
N THR A 217 22.96 -9.78 -18.20
CA THR A 217 22.17 -8.62 -18.55
C THR A 217 22.62 -7.48 -17.62
N ASP A 218 22.99 -6.34 -18.21
CA ASP A 218 23.37 -5.17 -17.44
C ASP A 218 22.10 -4.35 -17.06
N VAL A 219 22.08 -3.79 -15.88
CA VAL A 219 21.04 -2.80 -15.56
C VAL A 219 21.67 -1.62 -14.89
N ASN A 220 20.94 -0.54 -14.82
CA ASN A 220 21.37 0.59 -14.02
C ASN A 220 21.53 0.23 -12.52
N MET A 221 22.71 0.57 -12.02
CA MET A 221 23.06 0.42 -10.64
C MET A 221 22.23 1.46 -9.86
N ASN A 222 21.35 0.98 -8.99
CA ASN A 222 20.46 1.85 -8.21
C ASN A 222 20.85 1.77 -6.76
N VAL A 223 20.80 2.91 -6.06
CA VAL A 223 21.16 2.96 -4.62
C VAL A 223 20.34 2.05 -3.69
N PHE A 224 19.24 1.49 -4.21
CA PHE A 224 18.43 0.54 -3.44
C PHE A 224 18.84 -0.91 -3.60
N TYR A 225 19.90 -1.15 -4.40
CA TYR A 225 20.30 -2.51 -4.81
C TYR A 225 21.39 -3.11 -3.93
N LYS A 226 21.46 -4.43 -3.99
CA LYS A 226 22.47 -5.11 -3.19
C LYS A 226 23.88 -4.82 -3.71
N ASP A 227 24.04 -4.66 -5.00
CA ASP A 227 25.39 -4.57 -5.61
C ASP A 227 25.71 -3.12 -6.07
N ALA A 228 25.51 -2.15 -5.17
CA ALA A 228 25.69 -0.76 -5.52
C ALA A 228 26.86 -0.19 -4.74
N ASP A 229 27.64 0.66 -5.44
CA ASP A 229 28.79 1.28 -4.81
C ASP A 229 28.38 2.20 -3.66
N PHE A 230 27.22 2.84 -3.84
CA PHE A 230 26.60 3.61 -2.78
C PHE A 230 25.22 3.01 -2.46
N LYS A 231 24.90 2.87 -1.17
CA LYS A 231 23.71 2.14 -0.75
C LYS A 231 22.96 2.93 0.34
N VAL A 232 21.65 3.00 0.18
CA VAL A 232 20.81 3.61 1.19
C VAL A 232 20.83 2.79 2.47
N PHE A 233 20.52 3.48 3.56
CA PHE A 233 20.22 2.91 4.86
C PHE A 233 19.05 1.84 4.77
N PRO A 234 19.29 0.63 5.29
CA PRO A 234 18.35 -0.45 5.06
C PRO A 234 17.14 -0.36 5.94
N THR A 235 16.36 0.71 5.78
CA THR A 235 15.08 0.80 6.47
C THR A 235 13.92 0.78 5.47
N THR A 236 12.68 0.95 5.94
CA THR A 236 11.57 1.02 5.01
C THR A 236 11.35 2.50 4.61
N TYR A 237 11.09 2.70 3.34
CA TYR A 237 10.79 4.02 2.77
C TYR A 237 9.35 4.09 2.19
N LEU A 238 8.88 5.30 2.01
CA LEU A 238 7.61 5.53 1.34
C LEU A 238 7.89 6.11 -0.02
N ALA A 239 7.27 5.52 -1.03
CA ALA A 239 7.53 5.97 -2.40
C ALA A 239 6.23 6.49 -2.97
N MET A 240 6.34 7.50 -3.84
CA MET A 240 5.15 7.99 -4.54
C MET A 240 5.50 8.43 -5.97
N LYS A 241 4.53 8.29 -6.86
CA LYS A 241 4.55 8.92 -8.20
C LYS A 241 3.11 9.42 -8.45
N TYR A 242 2.98 10.47 -9.24
CA TYR A 242 1.64 10.97 -9.61
C TYR A 242 1.50 10.97 -11.17
N SER A 243 0.27 11.02 -11.60
CA SER A 243 -0.09 11.07 -12.97
C SER A 243 -1.16 12.12 -13.18
N ASP A 244 -1.01 12.83 -14.27
CA ASP A 244 -1.98 13.85 -14.66
C ASP A 244 -2.76 13.42 -15.91
N ASP A 245 -2.61 12.17 -16.32
CA ASP A 245 -3.25 11.67 -17.52
C ASP A 245 -3.87 10.30 -17.24
N GLU A 246 -4.40 10.17 -16.02
CA GLU A 246 -5.06 8.97 -15.51
C GLU A 246 -4.27 7.69 -15.66
N GLY A 247 -2.96 7.77 -15.44
CA GLY A 247 -2.16 6.61 -15.43
C GLY A 247 -1.51 6.31 -16.76
N GLU A 248 -1.66 7.18 -17.77
CA GLU A 248 -0.93 6.97 -19.04
C GLU A 248 0.54 7.22 -18.83
N THR A 249 0.88 8.25 -18.05
CA THR A 249 2.31 8.46 -17.72
C THR A 249 2.38 8.87 -16.24
N TRP A 250 3.57 8.68 -15.69
CA TRP A 250 3.86 8.91 -14.28
C TRP A 250 4.98 9.89 -14.14
N SER A 251 4.97 10.60 -13.02
CA SER A 251 6.04 11.52 -12.65
C SER A 251 7.26 10.78 -12.13
N ASP A 252 8.27 11.55 -11.73
CA ASP A 252 9.54 10.99 -11.23
C ASP A 252 9.31 10.43 -9.82
N LEU A 253 10.12 9.45 -9.47
CA LEU A 253 10.02 8.79 -8.21
C LEU A 253 10.19 9.77 -7.07
N GLN A 254 9.26 9.76 -6.12
CA GLN A 254 9.43 10.54 -4.89
C GLN A 254 9.62 9.66 -3.67
N ILE A 255 10.68 9.92 -2.92
CA ILE A 255 10.82 9.26 -1.63
C ILE A 255 10.27 10.25 -0.59
N VAL A 256 9.08 9.98 -0.08
CA VAL A 256 8.32 11.03 0.66
C VAL A 256 8.46 10.86 2.15
N SER A 257 9.14 9.80 2.57
CA SER A 257 9.21 9.50 4.03
C SER A 257 10.34 10.26 4.73
N THR A 258 10.54 11.51 4.37
CA THR A 258 11.56 12.33 5.01
C THR A 258 11.24 12.50 6.47
N PHE A 259 9.94 12.36 6.78
CA PHE A 259 9.39 12.45 8.15
C PHE A 259 9.48 11.10 8.94
N LYS A 260 10.08 10.06 8.38
CA LYS A 260 10.15 8.82 9.15
C LYS A 260 10.81 9.07 10.51
N PRO A 261 10.13 8.72 11.62
CA PRO A 261 10.77 9.10 12.88
C PRO A 261 12.06 8.32 13.08
N GLU A 262 13.07 8.99 13.60
CA GLU A 262 14.37 8.32 13.84
C GLU A 262 14.29 7.09 14.73
N GLU A 263 13.33 7.06 15.63
CA GLU A 263 13.14 5.91 16.54
C GLU A 263 12.32 4.79 15.95
N SER A 264 11.77 4.97 14.74
CA SER A 264 10.94 3.93 14.13
C SER A 264 11.75 2.84 13.45
N LYS A 265 11.28 1.59 13.56
CA LYS A 265 11.84 0.48 12.77
C LYS A 265 11.30 0.49 11.34
N PHE A 266 9.98 0.33 11.22
CA PHE A 266 9.29 0.48 9.99
C PHE A 266 8.16 1.53 10.10
N LEU A 267 7.85 2.13 8.97
CA LEU A 267 6.72 3.00 8.76
C LEU A 267 6.17 2.73 7.36
N VAL A 268 4.94 2.24 7.29
CA VAL A 268 4.44 1.68 6.07
C VAL A 268 2.98 2.11 5.85
N LEU A 269 2.48 1.82 4.66
CA LEU A 269 1.12 2.19 4.28
C LEU A 269 0.03 1.26 4.81
N GLY A 270 -1.11 1.81 5.20
CA GLY A 270 -2.33 1.00 5.34
C GLY A 270 -2.93 0.83 3.97
N PRO A 271 -2.82 -0.38 3.37
CA PRO A 271 -3.15 -0.37 1.94
C PRO A 271 -4.62 -0.24 1.58
N GLY A 272 -4.85 0.15 0.34
CA GLY A 272 -6.19 0.45 -0.10
C GLY A 272 -6.23 1.77 -0.83
N VAL A 273 -7.06 2.69 -0.32
CA VAL A 273 -7.09 4.05 -0.79
C VAL A 273 -6.91 5.09 0.30
N GLY A 274 -6.49 6.29 -0.12
CA GLY A 274 -6.47 7.43 0.76
C GLY A 274 -7.82 8.15 0.62
N LYS A 275 -7.92 9.34 1.20
CA LYS A 275 -9.16 10.10 1.23
C LYS A 275 -8.86 11.56 0.88
N GLN A 276 -9.74 12.20 0.10
CA GLN A 276 -9.72 13.67 -0.01
C GLN A 276 -10.98 14.13 0.71
N ILE A 277 -10.87 15.07 1.62
CA ILE A 277 -12.03 15.60 2.35
C ILE A 277 -12.91 16.40 1.34
N ALA A 278 -14.21 16.17 1.37
CA ALA A 278 -15.17 16.80 0.50
C ALA A 278 -15.79 18.03 1.17
N ASN A 279 -16.12 17.92 2.46
CA ASN A 279 -16.83 18.98 3.24
C ASN A 279 -16.00 19.67 4.35
N GLY A 280 -16.47 20.83 4.85
CA GLY A 280 -15.81 21.51 5.97
C GLY A 280 -14.72 22.44 5.49
N GLU A 281 -14.09 23.10 6.44
CA GLU A 281 -13.04 24.08 6.13
C GLU A 281 -11.91 23.47 5.23
N HIS A 282 -11.64 22.17 5.44
CA HIS A 282 -10.49 21.48 4.85
C HIS A 282 -10.81 20.62 3.65
N ALA A 283 -11.95 20.87 3.06
CA ALA A 283 -12.27 20.25 1.84
C ALA A 283 -11.01 20.38 0.99
N GLY A 284 -10.65 19.29 0.33
CA GLY A 284 -9.50 19.25 -0.58
C GLY A 284 -8.20 18.75 0.14
N ARG A 285 -8.19 18.73 1.46
CA ARG A 285 -7.11 18.03 2.20
C ARG A 285 -7.04 16.59 1.73
N LEU A 286 -5.83 16.18 1.34
CA LEU A 286 -5.49 14.80 1.03
C LEU A 286 -4.95 14.07 2.32
N ILE A 287 -5.52 12.93 2.69
CA ILE A 287 -4.97 12.15 3.78
C ILE A 287 -4.78 10.63 3.45
N VAL A 288 -3.67 10.05 3.91
CA VAL A 288 -3.26 8.67 3.61
C VAL A 288 -2.92 8.05 4.97
N PRO A 289 -3.46 6.85 5.26
CA PRO A 289 -3.12 6.14 6.50
C PRO A 289 -1.81 5.36 6.50
N LEU A 290 -1.17 5.35 7.67
CA LEU A 290 0.16 4.71 7.82
C LEU A 290 0.10 3.94 9.15
N TYR A 291 1.08 3.08 9.39
CA TYR A 291 1.27 2.53 10.70
C TYR A 291 2.76 2.18 10.87
N SER A 292 3.16 2.03 12.13
CA SER A 292 4.60 1.92 12.49
C SER A 292 4.90 1.12 13.74
N LYS A 293 6.13 0.60 13.78
CA LYS A 293 6.85 0.21 14.99
C LYS A 293 7.69 1.45 15.34
N SER A 294 7.22 2.22 16.29
CA SER A 294 7.77 3.52 16.55
C SER A 294 7.20 3.99 17.91
N SER A 295 7.20 5.29 18.19
CA SER A 295 6.53 5.88 19.36
C SER A 295 5.02 5.60 19.29
N ALA A 296 4.54 5.46 18.04
CA ALA A 296 3.17 5.30 17.71
C ALA A 296 2.99 4.11 16.75
N GLU A 297 1.76 3.62 16.73
CA GLU A 297 1.30 2.58 15.84
C GLU A 297 0.60 3.19 14.65
N LEU A 298 -0.64 3.64 14.84
CA LEU A 298 -1.41 4.27 13.81
C LEU A 298 -0.91 5.69 13.56
N GLY A 299 -0.70 6.02 12.29
CA GLY A 299 -0.34 7.37 11.90
C GLY A 299 -1.04 7.77 10.63
N PHE A 300 -0.84 9.03 10.19
CA PHE A 300 -1.31 9.53 8.89
C PHE A 300 -0.33 10.49 8.30
N MET A 301 -0.37 10.65 6.97
CA MET A 301 0.32 11.75 6.30
C MET A 301 -0.76 12.55 5.55
N TYR A 302 -0.74 13.86 5.68
CA TYR A 302 -1.73 14.68 4.90
C TYR A 302 -1.11 15.88 4.20
N SER A 303 -1.81 16.41 3.18
CA SER A 303 -1.27 17.48 2.36
C SER A 303 -2.38 18.52 2.19
N ASP A 304 -2.01 19.77 2.44
CA ASP A 304 -2.92 20.90 2.23
C ASP A 304 -2.60 21.68 0.97
N ASP A 305 -1.59 21.23 0.22
CA ASP A 305 -1.21 21.91 -0.99
C ASP A 305 -1.14 20.98 -2.19
N HIS A 306 -2.20 20.19 -2.35
CA HIS A 306 -2.30 19.36 -3.53
C HIS A 306 -1.20 18.32 -3.71
N GLY A 307 -0.56 17.88 -2.63
CA GLY A 307 0.37 16.77 -2.70
C GLY A 307 1.81 17.15 -2.75
N ASN A 308 2.10 18.46 -2.69
CA ASN A 308 3.48 18.91 -2.77
C ASN A 308 4.21 18.67 -1.44
N ASN A 309 3.55 18.93 -0.34
CA ASN A 309 4.14 18.74 1.02
C ASN A 309 3.19 17.89 1.84
N TRP A 310 3.77 17.06 2.70
CA TRP A 310 3.05 16.08 3.48
C TRP A 310 3.43 16.23 4.93
N THR A 311 2.44 16.20 5.83
CA THR A 311 2.65 16.25 7.25
C THR A 311 2.35 14.90 7.89
N TYR A 312 3.25 14.44 8.73
CA TYR A 312 3.02 13.23 9.48
C TYR A 312 2.34 13.53 10.85
N VAL A 313 1.28 12.79 11.14
CA VAL A 313 0.58 12.76 12.43
C VAL A 313 0.60 11.36 13.06
N GLU A 314 0.90 11.30 14.36
CA GLU A 314 0.73 10.13 15.19
C GLU A 314 -0.68 10.17 15.76
N ALA A 315 -1.36 9.02 15.65
CA ALA A 315 -2.73 8.92 16.21
C ALA A 315 -2.79 8.23 17.60
N ASP A 316 -1.67 7.70 18.10
CA ASP A 316 -1.59 7.07 19.43
C ASP A 316 -0.14 7.10 19.96
N GLN A 317 0.07 6.46 21.11
CA GLN A 317 1.37 6.30 21.76
C GLN A 317 1.78 4.84 21.84
N ASN A 318 1.34 3.95 20.96
CA ASN A 318 1.66 2.55 21.10
C ASN A 318 3.01 2.22 20.48
N THR A 319 3.86 1.53 21.24
CA THR A 319 5.18 1.24 20.73
C THR A 319 5.31 -0.16 20.24
N GLY A 320 4.21 -0.90 20.36
CA GLY A 320 4.15 -2.32 20.03
C GLY A 320 4.28 -2.69 18.57
N GLY A 321 4.12 -1.75 17.65
CA GLY A 321 4.25 -2.13 16.26
C GLY A 321 3.23 -3.14 15.69
N ALA A 322 1.99 -3.15 16.19
CA ALA A 322 1.01 -4.04 15.64
C ALA A 322 0.65 -3.61 14.23
N THR A 323 -0.08 -4.45 13.54
CA THR A 323 -0.33 -4.26 12.13
C THR A 323 -1.57 -3.37 11.95
N ALA A 324 -1.42 -2.06 12.23
CA ALA A 324 -2.58 -1.18 12.38
C ALA A 324 -2.98 -0.57 11.07
N GLU A 325 -3.28 -1.44 10.11
CA GLU A 325 -3.72 -1.04 8.79
C GLU A 325 -5.08 -0.43 8.89
N ALA A 326 -5.24 0.76 8.30
CA ALA A 326 -6.49 1.52 8.40
C ALA A 326 -7.03 2.06 7.09
N GLN A 327 -8.34 2.35 7.08
CA GLN A 327 -9.00 3.06 5.96
C GLN A 327 -9.98 4.06 6.53
N ILE A 328 -10.28 5.10 5.78
CA ILE A 328 -10.90 6.28 6.38
C ILE A 328 -12.17 6.68 5.61
N VAL A 329 -13.23 7.00 6.33
CA VAL A 329 -14.41 7.66 5.74
C VAL A 329 -14.73 8.98 6.41
N GLU A 330 -15.57 9.77 5.73
CA GLU A 330 -15.93 11.12 6.14
C GLU A 330 -17.39 11.19 6.55
N MET A 331 -17.62 11.93 7.63
CA MET A 331 -18.99 12.29 8.07
C MET A 331 -19.61 13.48 7.31
N PRO A 332 -20.93 13.62 7.41
CA PRO A 332 -21.56 14.67 6.58
C PRO A 332 -20.97 16.11 6.75
N ASP A 333 -20.55 16.45 7.95
CA ASP A 333 -19.89 17.76 8.16
C ASP A 333 -18.37 17.84 7.85
N GLY A 334 -17.76 16.76 7.39
CA GLY A 334 -16.30 16.75 7.18
C GLY A 334 -15.39 16.15 8.22
N SER A 335 -15.91 15.79 9.39
CA SER A 335 -15.15 15.02 10.39
C SER A 335 -14.83 13.63 9.81
N LEU A 336 -13.90 12.91 10.43
CA LEU A 336 -13.34 11.67 9.84
C LEU A 336 -13.56 10.58 10.80
N LYS A 337 -13.84 9.39 10.27
CA LYS A 337 -13.90 8.16 11.08
C LYS A 337 -13.04 7.09 10.39
N THR A 338 -12.16 6.52 11.20
CA THR A 338 -11.16 5.57 10.68
C THR A 338 -11.44 4.29 11.37
N TYR A 339 -11.45 3.25 10.55
CA TYR A 339 -11.55 1.90 10.99
C TYR A 339 -10.20 1.25 10.73
N LEU A 340 -9.76 0.45 11.68
CA LEU A 340 -8.45 -0.15 11.58
C LEU A 340 -8.37 -1.54 12.17
N ARG A 341 -7.41 -2.29 11.66
CA ARG A 341 -6.98 -3.56 12.19
C ARG A 341 -6.20 -3.31 13.46
N THR A 342 -6.17 -4.27 14.38
CA THR A 342 -5.30 -4.13 15.54
C THR A 342 -4.66 -5.48 15.82
N GLY A 343 -3.77 -5.49 16.79
CA GLY A 343 -3.23 -6.77 17.28
C GLY A 343 -4.00 -7.29 18.50
N SER A 344 -5.22 -6.75 18.70
CA SER A 344 -6.01 -6.94 19.95
C SER A 344 -7.24 -7.80 19.80
N GLY A 345 -7.44 -8.40 18.63
CA GLY A 345 -8.62 -9.23 18.38
C GLY A 345 -9.89 -8.47 18.07
N TYR A 346 -9.81 -7.19 17.75
CA TYR A 346 -10.99 -6.52 17.22
C TYR A 346 -10.57 -5.48 16.21
N ILE A 347 -11.55 -5.04 15.42
CA ILE A 347 -11.42 -3.82 14.59
C ILE A 347 -11.72 -2.63 15.51
N ALA A 348 -11.00 -1.52 15.33
CA ALA A 348 -11.12 -0.36 16.22
C ALA A 348 -11.51 0.78 15.36
N GLN A 349 -12.03 1.81 16.02
CA GLN A 349 -12.51 2.99 15.39
C GLN A 349 -11.88 4.16 16.16
N VAL A 350 -11.53 5.21 15.42
CA VAL A 350 -11.06 6.44 15.98
C VAL A 350 -11.66 7.59 15.22
N MET A 351 -11.80 8.74 15.86
CA MET A 351 -12.42 9.91 15.20
C MET A 351 -11.50 11.13 15.24
N SER A 352 -11.53 11.93 14.19
CA SER A 352 -11.00 13.29 14.16
C SER A 352 -12.03 14.33 13.71
N THR A 353 -12.01 15.46 14.42
CA THR A 353 -12.84 16.62 14.08
C THR A 353 -12.03 17.79 13.53
N ASP A 354 -10.70 17.64 13.35
CA ASP A 354 -9.86 18.71 12.79
C ASP A 354 -9.18 18.19 11.55
N GLY A 355 -9.88 17.33 10.83
CA GLY A 355 -9.46 16.93 9.51
C GLY A 355 -8.25 16.02 9.51
N GLY A 356 -8.05 15.22 10.56
CA GLY A 356 -6.98 14.27 10.60
C GLY A 356 -5.72 14.66 11.36
N GLU A 357 -5.74 15.82 12.04
CA GLU A 357 -4.58 16.30 12.84
C GLU A 357 -4.55 15.63 14.19
N THR A 358 -5.71 15.46 14.78
CA THR A 358 -5.76 14.75 16.01
C THR A 358 -6.90 13.75 15.94
N TRP A 359 -6.72 12.68 16.73
CA TRP A 359 -7.52 11.45 16.73
C TRP A 359 -7.90 11.04 18.15
N SER A 360 -9.13 10.51 18.32
CA SER A 360 -9.61 10.04 19.61
C SER A 360 -9.06 8.69 19.88
N GLU A 361 -9.26 8.24 21.10
CA GLU A 361 -8.85 6.92 21.60
C GLU A 361 -9.56 5.78 20.81
N ARG A 362 -8.96 4.59 20.78
CA ARG A 362 -9.53 3.49 20.02
C ARG A 362 -10.82 2.96 20.69
N VAL A 363 -11.90 2.88 19.91
CA VAL A 363 -13.20 2.25 20.33
C VAL A 363 -13.47 0.94 19.55
N PRO A 364 -13.40 -0.22 20.23
CA PRO A 364 -13.61 -1.52 19.58
C PRO A 364 -14.91 -1.58 18.81
N LEU A 365 -14.95 -2.33 17.72
CA LEU A 365 -16.17 -2.46 16.95
C LEU A 365 -16.63 -3.90 17.18
N THR A 366 -17.75 -4.08 17.90
CA THR A 366 -18.15 -5.41 18.35
C THR A 366 -18.90 -6.21 17.31
N GLU A 367 -19.42 -5.55 16.29
CA GLU A 367 -20.24 -6.26 15.28
C GLU A 367 -19.48 -7.36 14.52
N ILE A 368 -18.17 -7.23 14.38
CA ILE A 368 -17.39 -8.11 13.47
C ILE A 368 -16.36 -8.92 14.19
N ALA A 369 -16.39 -10.21 13.92
CA ALA A 369 -15.47 -11.15 14.48
C ALA A 369 -14.14 -11.07 13.73
N THR A 370 -13.03 -11.21 14.44
CA THR A 370 -11.75 -11.30 13.77
C THR A 370 -10.77 -12.08 14.60
N THR A 371 -9.59 -12.31 14.05
CA THR A 371 -8.52 -13.03 14.73
C THR A 371 -7.71 -12.02 15.50
N GLY A 372 -6.76 -12.50 16.30
CA GLY A 372 -5.89 -11.65 17.13
C GLY A 372 -4.81 -10.93 16.37
N TYR A 373 -4.42 -11.50 15.23
CA TYR A 373 -3.55 -10.83 14.28
C TYR A 373 -4.28 -9.81 13.37
N GLY A 374 -5.58 -10.02 13.16
CA GLY A 374 -6.36 -9.17 12.29
C GLY A 374 -6.16 -9.32 10.78
N THR A 375 -7.03 -8.62 10.04
CA THR A 375 -6.92 -8.54 8.59
C THR A 375 -7.24 -7.11 8.13
N GLN A 376 -6.72 -6.72 6.98
CA GLN A 376 -6.98 -5.43 6.41
C GLN A 376 -8.45 -5.42 6.04
N LEU A 377 -9.04 -4.21 6.01
CA LEU A 377 -10.43 -3.99 5.72
C LEU A 377 -10.55 -2.86 4.72
N SER A 378 -11.72 -2.72 4.11
CA SER A 378 -11.99 -1.63 3.23
C SER A 378 -13.25 -0.94 3.70
N VAL A 379 -13.17 0.40 3.76
CA VAL A 379 -14.30 1.19 4.14
C VAL A 379 -14.37 2.40 3.21
N ILE A 380 -15.59 2.71 2.73
CA ILE A 380 -15.79 3.82 1.81
C ILE A 380 -17.12 4.55 2.06
N ASN A 381 -17.17 5.77 1.54
CA ASN A 381 -18.39 6.52 1.51
C ASN A 381 -19.19 6.10 0.30
N TYR A 382 -20.51 6.26 0.38
CA TYR A 382 -21.39 6.05 -0.74
C TYR A 382 -22.14 7.38 -1.04
N SER A 383 -22.27 7.74 -2.30
CA SER A 383 -22.71 9.09 -2.66
C SER A 383 -24.25 9.28 -2.55
N GLN A 384 -25.01 8.19 -2.45
CA GLN A 384 -26.50 8.24 -2.42
C GLN A 384 -26.99 7.84 -1.07
N PRO A 385 -28.06 8.49 -0.58
CA PRO A 385 -28.55 8.08 0.71
C PRO A 385 -29.07 6.64 0.62
N VAL A 386 -29.20 6.02 1.78
CA VAL A 386 -29.68 4.64 1.91
C VAL A 386 -30.70 4.61 3.05
N ASP A 387 -31.94 4.24 2.72
CA ASP A 387 -33.08 4.38 3.61
C ASP A 387 -33.11 5.85 4.05
N GLY A 388 -32.78 6.75 3.14
CA GLY A 388 -32.77 8.18 3.43
C GLY A 388 -31.69 8.67 4.37
N LYS A 389 -30.68 7.83 4.64
CA LYS A 389 -29.58 8.20 5.53
C LYS A 389 -28.24 8.22 4.79
N PRO A 390 -27.28 9.05 5.28
CA PRO A 390 -25.96 8.95 4.68
C PRO A 390 -25.40 7.58 4.98
N ALA A 391 -24.64 7.04 4.01
CA ALA A 391 -24.22 5.64 4.04
C ALA A 391 -22.70 5.48 3.87
N ILE A 392 -22.11 4.56 4.61
CA ILE A 392 -20.81 4.00 4.31
C ILE A 392 -20.88 2.46 4.13
N LEU A 393 -19.82 1.89 3.54
CA LEU A 393 -19.69 0.42 3.34
C LEU A 393 -18.37 -0.11 3.88
N LEU A 394 -18.41 -1.30 4.49
CA LEU A 394 -17.26 -1.96 5.01
C LEU A 394 -17.15 -3.41 4.44
N SER A 395 -15.97 -3.78 3.96
CA SER A 395 -15.63 -5.15 3.54
C SER A 395 -14.55 -5.72 4.39
N ALA A 396 -14.73 -6.95 4.87
CA ALA A 396 -13.74 -7.59 5.73
C ALA A 396 -14.16 -9.05 5.96
N PRO A 397 -13.19 -9.95 6.32
CA PRO A 397 -13.63 -11.28 6.74
C PRO A 397 -14.41 -11.15 8.04
N ASN A 398 -15.13 -12.22 8.40
CA ASN A 398 -15.94 -12.25 9.63
C ASN A 398 -15.79 -13.59 10.33
N ALA A 399 -14.65 -13.86 10.96
CA ALA A 399 -14.43 -15.11 11.65
C ALA A 399 -13.33 -14.94 12.62
N THR A 400 -13.27 -15.82 13.62
CA THR A 400 -12.26 -15.71 14.65
C THR A 400 -11.07 -16.63 14.42
N ASN A 401 -11.25 -17.70 13.64
CA ASN A 401 -10.16 -18.57 13.21
C ASN A 401 -10.12 -18.43 11.70
N GLY A 402 -8.99 -18.08 11.16
CA GLY A 402 -8.82 -17.91 9.75
C GLY A 402 -9.44 -16.69 9.12
N ARG A 403 -9.06 -16.49 7.86
CA ARG A 403 -9.51 -15.44 6.99
C ARG A 403 -10.56 -16.00 6.02
N LYS A 404 -11.82 -15.81 6.39
CA LYS A 404 -12.92 -16.44 5.70
C LYS A 404 -14.19 -15.69 5.98
N ASN A 405 -15.26 -16.06 5.31
CA ASN A 405 -16.57 -15.52 5.59
C ASN A 405 -16.64 -14.03 5.38
N GLY A 406 -16.22 -13.58 4.18
CA GLY A 406 -16.21 -12.19 3.85
C GLY A 406 -17.62 -11.64 3.84
N LYS A 407 -17.80 -10.44 4.39
CA LYS A 407 -19.03 -9.68 4.27
C LYS A 407 -18.79 -8.28 3.68
N ILE A 408 -19.81 -7.74 3.04
CA ILE A 408 -19.93 -6.36 2.80
C ILE A 408 -21.07 -5.84 3.64
N TRP A 409 -20.78 -4.84 4.47
CA TRP A 409 -21.77 -4.25 5.37
C TRP A 409 -22.15 -2.86 4.90
N ILE A 410 -23.37 -2.45 5.24
CA ILE A 410 -23.84 -1.06 5.02
C ILE A 410 -24.12 -0.47 6.42
N GLY A 411 -23.52 0.69 6.67
CA GLY A 411 -23.61 1.40 7.94
C GLY A 411 -24.32 2.69 7.62
N LEU A 412 -25.35 2.99 8.43
CA LEU A 412 -26.17 4.18 8.24
C LEU A 412 -25.83 5.21 9.33
N ILE A 413 -25.55 6.43 8.89
CA ILE A 413 -25.02 7.43 9.81
C ILE A 413 -26.18 8.24 10.35
N SER A 414 -26.21 8.35 11.69
CA SER A 414 -27.12 9.25 12.41
C SER A 414 -26.45 10.30 13.33
N GLU A 415 -27.07 11.48 13.39
CA GLU A 415 -26.75 12.44 14.42
C GLU A 415 -27.29 11.91 15.73
N THR A 416 -26.46 11.83 16.76
CA THR A 416 -26.86 11.36 18.07
C THR A 416 -27.37 12.53 18.93
N GLY A 417 -27.19 13.75 18.43
CA GLY A 417 -27.49 14.94 19.19
C GLY A 417 -26.41 15.30 20.20
N ASN A 418 -25.13 14.98 19.91
CA ASN A 418 -23.98 15.33 20.80
C ASN A 418 -22.92 16.08 20.04
N SER A 419 -21.90 16.58 20.75
CA SER A 419 -21.02 17.61 20.16
C SER A 419 -19.85 17.06 19.34
N GLY A 420 -18.84 16.52 20.00
CA GLY A 420 -17.52 16.44 19.40
C GLY A 420 -17.38 15.27 18.45
N LYS A 421 -16.50 14.37 18.84
CA LYS A 421 -16.31 13.10 18.15
C LYS A 421 -17.57 12.23 18.23
N ASP A 422 -18.51 12.60 19.10
CA ASP A 422 -19.75 11.84 19.36
C ASP A 422 -20.95 12.32 18.57
N LYS A 423 -20.69 13.18 17.58
CA LYS A 423 -21.76 13.80 16.83
C LYS A 423 -22.61 12.78 16.04
N TYR A 424 -21.99 11.71 15.55
CA TYR A 424 -22.66 10.72 14.70
C TYR A 424 -22.56 9.32 15.23
N SER A 425 -23.55 8.49 14.91
CA SER A 425 -23.48 7.03 15.19
C SER A 425 -23.67 6.26 13.87
N VAL A 426 -23.17 5.03 13.85
CA VAL A 426 -23.25 4.21 12.63
C VAL A 426 -24.12 2.99 12.92
N ASP A 427 -25.18 2.83 12.16
CA ASP A 427 -26.04 1.66 12.31
C ASP A 427 -25.61 0.61 11.25
N TRP A 428 -24.98 -0.48 11.66
CA TRP A 428 -24.59 -1.50 10.62
C TRP A 428 -25.81 -2.38 10.33
N LYS A 429 -26.70 -1.89 9.49
CA LYS A 429 -28.04 -2.48 9.30
C LYS A 429 -28.01 -3.72 8.43
N TYR A 430 -27.27 -3.59 7.33
CA TYR A 430 -27.13 -4.65 6.32
C TYR A 430 -25.76 -5.33 6.33
N CYS A 431 -25.79 -6.64 6.04
CA CYS A 431 -24.60 -7.52 6.04
C CYS A 431 -24.78 -8.56 4.93
N TYR A 432 -24.08 -8.35 3.79
CA TYR A 432 -24.13 -9.23 2.62
C TYR A 432 -22.99 -10.26 2.69
N SER A 433 -23.30 -11.54 2.48
CA SER A 433 -22.30 -12.62 2.50
C SER A 433 -21.80 -12.86 1.09
N VAL A 434 -20.51 -12.66 0.89
CA VAL A 434 -19.88 -12.72 -0.43
C VAL A 434 -19.90 -14.14 -0.99
N ASP A 435 -19.78 -15.16 -0.12
CA ASP A 435 -19.73 -16.59 -0.47
C ASP A 435 -20.05 -17.53 0.72
N THR A 436 -19.83 -18.83 0.55
CA THR A 436 -20.04 -19.80 1.61
C THR A 436 -19.13 -19.38 2.77
N PRO A 437 -19.58 -19.56 4.03
CA PRO A 437 -18.78 -19.17 5.19
C PRO A 437 -17.36 -19.69 5.28
N GLN A 438 -17.07 -20.88 4.72
CA GLN A 438 -15.67 -21.41 4.80
C GLN A 438 -14.75 -20.94 3.67
N MET A 439 -15.29 -20.27 2.66
CA MET A 439 -14.45 -19.76 1.55
C MET A 439 -13.56 -18.67 2.09
N GLY A 440 -12.29 -18.74 1.71
CA GLY A 440 -11.30 -17.79 2.11
C GLY A 440 -11.60 -16.39 1.65
N TYR A 441 -11.24 -15.43 2.50
CA TYR A 441 -11.44 -14.01 2.22
C TYR A 441 -10.49 -13.22 3.09
N SER A 442 -9.58 -12.51 2.45
CA SER A 442 -8.56 -11.73 3.15
C SER A 442 -8.67 -10.20 2.83
N TYR A 443 -7.65 -9.60 2.23
CA TYR A 443 -7.64 -8.19 2.00
C TYR A 443 -8.60 -7.83 0.84
N SER A 444 -9.12 -6.61 0.89
CA SER A 444 -10.17 -6.22 -0.03
C SER A 444 -10.11 -4.70 -0.26
N CYS A 445 -10.64 -4.21 -1.38
CA CYS A 445 -10.83 -2.76 -1.56
C CYS A 445 -12.15 -2.49 -2.31
N LEU A 446 -13.06 -1.74 -1.66
CA LEU A 446 -14.32 -1.25 -2.27
C LEU A 446 -14.10 0.07 -3.04
N THR A 447 -14.87 0.27 -4.10
CA THR A 447 -15.06 1.60 -4.66
C THR A 447 -16.51 1.72 -5.15
N GLU A 448 -16.98 2.96 -5.27
CA GLU A 448 -18.30 3.24 -5.87
C GLU A 448 -18.05 3.55 -7.30
N LEU A 449 -18.63 2.77 -8.20
CA LEU A 449 -18.48 2.99 -9.65
C LEU A 449 -19.42 4.11 -10.14
N PRO A 450 -19.14 4.69 -11.32
CA PRO A 450 -19.82 5.90 -11.76
C PRO A 450 -21.35 5.72 -11.93
N ASP A 451 -21.79 4.52 -12.28
CA ASP A 451 -23.21 4.21 -12.35
C ASP A 451 -23.83 3.94 -11.00
N GLY A 452 -23.07 4.10 -9.90
CA GLY A 452 -23.63 3.90 -8.54
C GLY A 452 -23.58 2.49 -8.02
N GLU A 453 -23.04 1.59 -8.82
CA GLU A 453 -22.73 0.22 -8.40
C GLU A 453 -21.45 0.21 -7.55
N ILE A 454 -21.27 -0.85 -6.76
CA ILE A 454 -20.12 -1.07 -5.92
C ILE A 454 -19.16 -2.11 -6.56
N GLY A 455 -17.93 -1.68 -6.83
CA GLY A 455 -16.84 -2.57 -7.21
C GLY A 455 -16.07 -3.09 -5.98
N LEU A 456 -15.60 -4.33 -6.08
CA LEU A 456 -14.81 -4.98 -5.07
C LEU A 456 -13.69 -5.85 -5.68
N LEU A 457 -12.43 -5.60 -5.24
CA LEU A 457 -11.26 -6.40 -5.55
C LEU A 457 -10.75 -7.01 -4.26
N TYR A 458 -10.66 -8.33 -4.22
CA TYR A 458 -10.35 -9.00 -2.98
C TYR A 458 -9.58 -10.27 -3.15
N GLU A 459 -8.91 -10.66 -2.05
CA GLU A 459 -8.16 -11.87 -1.94
C GLU A 459 -9.10 -13.02 -1.59
N LYS A 460 -9.37 -13.91 -2.55
CA LYS A 460 -10.31 -15.01 -2.33
C LYS A 460 -9.61 -16.30 -1.89
N TYR A 461 -8.78 -16.17 -0.85
CA TYR A 461 -8.15 -17.25 -0.10
C TYR A 461 -7.71 -16.67 1.24
N ASP A 462 -7.04 -17.49 2.07
CA ASP A 462 -6.58 -17.02 3.35
C ASP A 462 -5.09 -16.73 3.22
N SER A 463 -4.74 -15.44 3.19
CA SER A 463 -3.38 -14.95 2.85
C SER A 463 -2.42 -14.92 4.03
N TRP A 464 -2.90 -15.38 5.16
CA TRP A 464 -2.13 -15.49 6.40
C TRP A 464 -1.68 -16.90 6.56
N SER A 465 -2.59 -17.84 6.28
CA SER A 465 -2.27 -19.26 6.48
C SER A 465 -0.97 -19.73 5.77
N ARG A 466 -0.19 -20.56 6.46
CA ARG A 466 1.05 -21.12 5.84
C ARG A 466 0.71 -22.27 4.93
N ASN A 467 -0.55 -22.67 4.93
CA ASN A 467 -1.01 -23.71 3.99
C ASN A 467 -1.79 -23.23 2.76
N GLU A 468 -1.89 -21.93 2.54
CA GLU A 468 -2.51 -21.44 1.33
C GLU A 468 -1.59 -20.45 0.62
N LEU A 469 -0.30 -20.57 0.84
CA LEU A 469 0.71 -19.73 0.17
C LEU A 469 0.79 -20.05 -1.29
N HIS A 470 1.12 -19.06 -2.11
CA HIS A 470 1.56 -19.28 -3.50
C HIS A 470 0.43 -19.87 -4.35
N LEU A 471 -0.78 -19.47 -4.07
CA LEU A 471 -1.90 -19.63 -5.02
C LEU A 471 -1.98 -18.60 -6.13
N LYS A 472 -2.42 -19.04 -7.31
CA LYS A 472 -2.67 -18.19 -8.46
C LYS A 472 -4.13 -17.87 -8.67
N ASN A 473 -4.34 -16.64 -9.14
CA ASN A 473 -5.59 -16.19 -9.63
C ASN A 473 -6.65 -16.08 -8.52
N ILE A 474 -6.17 -15.58 -7.42
CA ILE A 474 -7.01 -15.47 -6.21
C ILE A 474 -7.49 -14.05 -5.97
N LEU A 475 -7.12 -13.13 -6.85
CA LEU A 475 -7.52 -11.77 -6.71
C LEU A 475 -8.75 -11.53 -7.58
N LYS A 476 -9.88 -11.41 -6.91
CA LYS A 476 -11.13 -11.43 -7.59
C LYS A 476 -11.84 -10.07 -7.59
N TYR A 477 -12.46 -9.77 -8.73
CA TYR A 477 -13.22 -8.54 -8.93
C TYR A 477 -14.70 -8.86 -9.17
N GLU A 478 -15.59 -8.25 -8.36
CA GLU A 478 -17.05 -8.41 -8.43
C GLU A 478 -17.71 -7.02 -8.36
N ARG A 479 -18.93 -6.96 -8.88
CA ARG A 479 -19.75 -5.79 -8.91
C ARG A 479 -21.14 -6.09 -8.39
N PHE A 480 -21.68 -5.14 -7.65
CA PHE A 480 -22.95 -5.33 -6.97
C PHE A 480 -23.77 -4.09 -7.09
N ASN A 481 -25.07 -4.22 -7.24
CA ASN A 481 -25.91 -3.04 -7.14
C ASN A 481 -26.31 -2.90 -5.66
N ILE A 482 -26.61 -1.67 -5.25
CA ILE A 482 -26.84 -1.42 -3.83
C ILE A 482 -27.99 -2.23 -3.23
N ASP A 483 -29.06 -2.48 -3.99
CA ASP A 483 -30.19 -3.34 -3.52
C ASP A 483 -29.79 -4.78 -3.25
N GLU A 484 -28.90 -5.36 -4.04
CA GLU A 484 -28.36 -6.71 -3.71
C GLU A 484 -27.73 -6.76 -2.35
N LEU A 485 -27.12 -5.65 -1.96
CA LEU A 485 -26.34 -5.64 -0.73
C LEU A 485 -27.19 -5.44 0.50
N LYS A 486 -28.45 -5.00 0.30
CA LYS A 486 -29.32 -4.66 1.42
C LYS A 486 -29.96 -5.90 2.01
N VAL A 487 -29.12 -6.71 2.63
CA VAL A 487 -29.48 -7.99 3.19
C VAL A 487 -29.47 -7.87 4.69
N GLN A 488 -30.48 -8.42 5.34
CA GLN A 488 -30.42 -8.56 6.78
C GLN A 488 -30.58 -10.05 7.09
N PRO A 489 -29.51 -10.73 7.51
CA PRO A 489 -29.55 -12.20 7.81
C PRO A 489 -30.21 -12.62 9.17
#